data_7A79
#
_entry.id   7A79
#
_cell.length_a   63.246
_cell.length_b   67.051
_cell.length_c   110.700
_cell.angle_alpha   90.000
_cell.angle_beta   90.000
_cell.angle_gamma   90.000
#
_symmetry.space_group_name_H-M   'P 21 21 21'
#
loop_
_entity.id
_entity.type
_entity.pdbx_description
1 polymer 'Retinoic acid receptor RXR-gamma'
2 polymer 'Nuclear receptor coactivator 2'
3 non-polymer 'PALMITIC ACID'
4 water water
#
loop_
_entity_poly.entity_id
_entity_poly.type
_entity_poly.pdbx_seq_one_letter_code
_entity_poly.pdbx_strand_id
1 'polypeptide(L)'
;SMDMPVERILEAELAVEPKTESYGDMNMENSTNDPVTNICHAADKQLFTLVEWAKRIPHFSDLTLEDQVILLRAGWNELL
IASFSHRSVSVQDGILLATGLHVHRSSAHSAGVGSIFDRVLTELVSKMKDMQMDKSELGCLRAIVLFNPDAKGLSNPSEV
ETLREKVYATLEAYTKQKYPEQPGRFAKLLLRLPALRSIGLKCLEHLFFFKLIGDTPIDTFLMEMLETPLQIT
;
A,B
2 'polypeptide(L)' KHKILHRLLQDSSY C,D
#
loop_
_chem_comp.id
_chem_comp.type
_chem_comp.name
_chem_comp.formula
PLM non-polymer 'PALMITIC ACID' 'C16 H32 O2'
#
# COMPACT_ATOMS: atom_id res chain seq x y z
N SER A 1 12.62 20.98 -7.80
CA SER A 1 11.98 22.17 -8.46
C SER A 1 12.21 23.41 -7.59
N MET A 2 11.77 24.59 -8.04
CA MET A 2 11.70 25.81 -7.19
C MET A 2 10.39 25.81 -6.38
N ASP A 3 9.33 25.17 -6.87
CA ASP A 3 8.04 24.98 -6.14
C ASP A 3 8.26 24.05 -4.94
N MET A 4 9.12 23.02 -5.09
CA MET A 4 9.25 21.90 -4.09
C MET A 4 10.72 21.47 -4.05
N PRO A 5 11.61 22.33 -3.49
CA PRO A 5 13.06 22.07 -3.53
C PRO A 5 13.41 20.91 -2.62
N VAL A 6 14.24 20.00 -3.08
CA VAL A 6 14.72 18.84 -2.30
C VAL A 6 15.53 19.35 -1.09
N GLU A 7 16.17 20.50 -1.23
CA GLU A 7 16.91 21.17 -0.12
C GLU A 7 15.97 21.35 1.07
N ARG A 8 14.77 21.89 0.84
CA ARG A 8 13.85 22.21 1.95
C ARG A 8 13.34 20.91 2.58
N ILE A 9 13.18 19.85 1.80
CA ILE A 9 12.66 18.56 2.33
C ILE A 9 13.76 17.94 3.19
N LEU A 10 15.02 17.97 2.75
CA LEU A 10 16.18 17.52 3.57
C LEU A 10 16.28 18.37 4.85
N GLU A 11 16.13 19.69 4.74
CA GLU A 11 16.25 20.61 5.91
C GLU A 11 15.20 20.21 6.95
N ALA A 12 14.01 19.79 6.51
CA ALA A 12 12.89 19.38 7.41
C ALA A 12 13.29 18.13 8.19
N GLU A 13 13.89 17.14 7.52
CA GLU A 13 14.40 15.89 8.15
C GLU A 13 15.48 16.24 9.18
N LEU A 14 16.47 17.05 8.81
CA LEU A 14 17.62 17.40 9.69
C LEU A 14 17.15 18.23 10.88
N ALA A 15 16.16 19.10 10.67
CA ALA A 15 15.59 19.98 11.73
C ALA A 15 15.00 19.16 12.90
N VAL A 16 14.56 17.91 12.69
CA VAL A 16 13.81 17.13 13.73
C VAL A 16 14.66 15.96 14.25
N GLU A 17 15.92 15.86 13.86
CA GLU A 17 16.76 14.63 14.00
C GLU A 17 16.84 14.24 15.49
N THR A 32 9.52 0.41 33.00
CA THR A 32 8.67 -0.40 32.07
C THR A 32 9.57 -1.29 31.21
N ASN A 33 9.69 -2.58 31.57
CA ASN A 33 10.31 -3.63 30.74
C ASN A 33 9.58 -3.69 29.40
N ASP A 34 8.22 -3.54 29.41
CA ASP A 34 7.34 -3.74 28.22
C ASP A 34 7.84 -2.84 27.09
N PRO A 35 8.39 -3.43 26.02
CA PRO A 35 8.83 -2.65 24.86
C PRO A 35 7.65 -1.85 24.27
N VAL A 36 6.44 -2.39 24.38
CA VAL A 36 5.22 -1.78 23.79
C VAL A 36 4.90 -0.46 24.51
N THR A 37 5.05 -0.43 25.82
CA THR A 37 4.96 0.82 26.63
C THR A 37 5.99 1.84 26.12
N ASN A 38 7.20 1.40 25.88
CA ASN A 38 8.32 2.30 25.49
C ASN A 38 8.04 2.82 24.09
N ILE A 39 7.54 1.96 23.21
CA ILE A 39 7.22 2.35 21.81
C ILE A 39 6.08 3.39 21.80
N CYS A 40 5.06 3.17 22.61
CA CYS A 40 3.86 4.03 22.72
C CYS A 40 4.26 5.39 23.28
N HIS A 41 5.07 5.40 24.32
CA HIS A 41 5.63 6.64 24.89
C HIS A 41 6.39 7.41 23.79
N ALA A 42 7.26 6.74 23.03
CA ALA A 42 8.08 7.36 21.98
C ALA A 42 7.18 7.92 20.86
N ALA A 43 6.13 7.19 20.48
CA ALA A 43 5.19 7.64 19.43
C ALA A 43 4.56 8.96 19.88
N ASP A 44 4.08 9.00 21.11
CA ASP A 44 3.45 10.22 21.65
C ASP A 44 4.43 11.40 21.49
N LYS A 45 5.67 11.26 21.98
CA LYS A 45 6.71 12.34 21.89
C LYS A 45 6.89 12.74 20.44
N GLN A 46 6.93 11.78 19.52
CA GLN A 46 7.29 12.06 18.10
C GLN A 46 6.12 12.71 17.36
N LEU A 47 4.90 12.59 17.88
CA LEU A 47 3.75 13.28 17.24
C LEU A 47 3.94 14.79 17.37
N PHE A 48 4.53 15.27 18.49
CA PHE A 48 4.83 16.71 18.71
C PHE A 48 5.85 17.18 17.67
N THR A 49 6.92 16.40 17.48
CA THR A 49 7.96 16.65 16.45
C THR A 49 7.32 16.54 15.06
N LEU A 50 6.39 15.62 14.86
CA LEU A 50 5.85 15.39 13.50
C LEU A 50 5.13 16.66 13.00
N VAL A 51 4.37 17.31 13.86
CA VAL A 51 3.70 18.59 13.48
C VAL A 51 4.74 19.63 13.00
N GLU A 52 5.88 19.74 13.71
CA GLU A 52 6.96 20.72 13.41
C GLU A 52 7.63 20.37 12.07
N TRP A 53 7.75 19.08 11.79
CA TRP A 53 8.27 18.55 10.52
C TRP A 53 7.35 18.95 9.38
N ALA A 54 6.07 18.68 9.52
CA ALA A 54 5.07 18.98 8.48
C ALA A 54 5.12 20.47 8.15
N LYS A 55 5.22 21.33 9.17
CA LYS A 55 5.26 22.79 8.98
C LYS A 55 6.47 23.20 8.12
N ARG A 56 7.53 22.40 8.10
CA ARG A 56 8.74 22.73 7.31
C ARG A 56 8.63 22.16 5.90
N ILE A 57 7.61 21.37 5.61
CA ILE A 57 7.41 20.87 4.22
C ILE A 57 6.79 21.96 3.37
N PRO A 58 7.47 22.37 2.28
CA PRO A 58 6.97 23.46 1.45
C PRO A 58 5.48 23.29 1.12
N HIS A 59 4.70 24.36 1.35
CA HIS A 59 3.27 24.54 0.97
C HIS A 59 2.31 23.86 1.94
N PHE A 60 2.80 23.02 2.86
CA PHE A 60 1.90 22.34 3.83
C PHE A 60 1.10 23.36 4.65
N SER A 61 1.78 24.39 5.18
CA SER A 61 1.21 25.42 6.09
C SER A 61 0.26 26.39 5.37
N ASP A 62 0.24 26.40 4.05
CA ASP A 62 -0.70 27.18 3.21
C ASP A 62 -2.03 26.43 3.01
N LEU A 63 -2.07 25.14 3.29
CA LEU A 63 -3.35 24.41 3.30
C LEU A 63 -4.18 24.97 4.44
N THR A 64 -5.49 24.77 4.40
CA THR A 64 -6.39 25.18 5.48
C THR A 64 -6.01 24.38 6.71
N LEU A 65 -6.23 24.91 7.90
CA LEU A 65 -6.01 24.14 9.16
C LEU A 65 -6.76 22.80 9.10
N GLU A 66 -8.01 22.78 8.63
CA GLU A 66 -8.84 21.56 8.55
C GLU A 66 -8.09 20.51 7.69
N ASP A 67 -7.50 20.95 6.58
CA ASP A 67 -6.84 20.03 5.62
C ASP A 67 -5.52 19.57 6.22
N GLN A 68 -4.84 20.44 6.96
CA GLN A 68 -3.58 20.06 7.67
C GLN A 68 -3.90 18.98 8.71
N VAL A 69 -4.98 19.16 9.46
CA VAL A 69 -5.44 18.19 10.50
C VAL A 69 -5.70 16.87 9.79
N ILE A 70 -6.44 16.89 8.71
CA ILE A 70 -6.87 15.65 7.98
C ILE A 70 -5.63 14.90 7.51
N LEU A 71 -4.65 15.59 6.94
CA LEU A 71 -3.45 14.92 6.39
C LEU A 71 -2.61 14.36 7.52
N LEU A 72 -2.46 15.06 8.66
CA LEU A 72 -1.63 14.54 9.76
C LEU A 72 -2.35 13.39 10.48
N ARG A 73 -3.66 13.47 10.60
CA ARG A 73 -4.45 12.34 11.19
C ARG A 73 -4.37 11.11 10.28
N ALA A 74 -4.37 11.29 8.95
CA ALA A 74 -4.37 10.12 8.03
C ALA A 74 -2.94 9.51 7.99
N GLY A 75 -1.89 10.28 8.20
CA GLY A 75 -0.54 9.90 7.78
C GLY A 75 0.39 9.63 8.97
N TRP A 76 0.02 10.04 10.16
CA TRP A 76 0.98 10.11 11.29
C TRP A 76 1.64 8.74 11.49
N ASN A 77 0.85 7.68 11.43
CA ASN A 77 1.32 6.32 11.72
C ASN A 77 2.41 5.94 10.71
N GLU A 78 2.12 6.06 9.44
CA GLU A 78 3.13 5.72 8.38
C GLU A 78 4.33 6.66 8.54
N LEU A 79 4.12 7.93 8.81
CA LEU A 79 5.24 8.91 8.88
C LEU A 79 6.18 8.58 10.02
N LEU A 80 5.67 8.09 11.14
CA LEU A 80 6.51 7.71 12.30
C LEU A 80 7.24 6.40 12.01
N ILE A 81 6.56 5.44 11.35
CA ILE A 81 7.16 4.14 11.09
C ILE A 81 8.33 4.35 10.08
N ALA A 82 8.12 5.16 9.05
CA ALA A 82 9.15 5.47 8.05
C ALA A 82 10.39 6.05 8.76
N SER A 83 10.19 7.00 9.69
CA SER A 83 11.30 7.63 10.47
C SER A 83 12.07 6.59 11.30
N PHE A 84 11.42 5.81 12.17
CA PHE A 84 12.16 4.92 13.10
C PHE A 84 12.83 3.79 12.30
N SER A 85 12.23 3.35 11.19
CA SER A 85 12.78 2.33 10.27
C SER A 85 14.10 2.83 9.68
N HIS A 86 14.14 4.08 9.22
CA HIS A 86 15.33 4.66 8.59
C HIS A 86 16.38 4.93 9.68
N ARG A 87 15.95 5.37 10.86
CA ARG A 87 16.84 5.54 12.04
C ARG A 87 17.47 4.17 12.42
N SER A 88 16.88 3.04 12.04
CA SER A 88 17.29 1.71 12.61
C SER A 88 18.21 0.94 11.64
N VAL A 89 18.63 1.53 10.52
CA VAL A 89 19.53 0.87 9.53
C VAL A 89 20.93 0.70 10.16
N SER A 90 21.28 1.44 11.20
CA SER A 90 22.59 1.32 11.89
C SER A 90 22.63 0.09 12.82
N VAL A 91 21.48 -0.49 13.20
CA VAL A 91 21.45 -1.59 14.20
C VAL A 91 20.98 -2.88 13.54
N GLN A 92 21.32 -4.01 14.13
CA GLN A 92 20.99 -5.36 13.63
C GLN A 92 19.85 -5.94 14.48
N ASP A 93 18.74 -6.31 13.85
CA ASP A 93 17.59 -6.99 14.49
C ASP A 93 17.10 -6.18 15.70
N GLY A 94 17.01 -4.87 15.53
CA GLY A 94 16.38 -4.00 16.51
C GLY A 94 15.96 -2.69 15.88
N ILE A 95 15.20 -1.92 16.64
CA ILE A 95 14.73 -0.57 16.28
C ILE A 95 15.30 0.42 17.30
N LEU A 96 15.69 1.60 16.82
CA LEU A 96 16.09 2.74 17.66
C LEU A 96 14.93 3.74 17.72
N LEU A 97 14.38 3.97 18.89
CA LEU A 97 13.30 4.95 19.10
C LEU A 97 13.92 6.33 19.19
N ALA A 98 13.12 7.35 18.98
CA ALA A 98 13.52 8.78 19.08
C ALA A 98 13.96 9.10 20.51
N THR A 99 13.43 8.39 21.51
CA THR A 99 13.77 8.58 22.95
C THR A 99 15.22 8.13 23.21
N GLY A 100 15.89 7.52 22.23
CA GLY A 100 17.25 6.95 22.37
C GLY A 100 17.26 5.49 22.84
N LEU A 101 16.11 4.96 23.26
CA LEU A 101 15.93 3.53 23.64
C LEU A 101 15.97 2.62 22.40
N HIS A 102 16.54 1.44 22.56
CA HIS A 102 16.63 0.40 21.53
C HIS A 102 15.72 -0.73 21.95
N VAL A 103 14.98 -1.29 21.00
CA VAL A 103 14.17 -2.52 21.17
C VAL A 103 14.79 -3.58 20.28
N HIS A 104 15.32 -4.63 20.89
CA HIS A 104 15.83 -5.81 20.16
C HIS A 104 14.67 -6.69 19.70
N ARG A 105 14.87 -7.42 18.63
CA ARG A 105 13.92 -8.39 18.08
C ARG A 105 13.47 -9.34 19.21
N SER A 106 14.38 -9.73 20.08
CA SER A 106 14.10 -10.77 21.10
C SER A 106 13.11 -10.20 22.12
N SER A 107 13.16 -8.90 22.39
CA SER A 107 12.24 -8.27 23.37
C SER A 107 10.86 -8.16 22.74
N ALA A 108 10.81 -7.72 21.49
CA ALA A 108 9.56 -7.60 20.70
C ALA A 108 8.82 -8.95 20.70
N HIS A 109 9.52 -10.05 20.40
CA HIS A 109 8.95 -11.43 20.33
C HIS A 109 8.43 -11.82 21.72
N SER A 110 9.17 -11.46 22.77
CA SER A 110 8.88 -11.83 24.16
C SER A 110 7.66 -11.09 24.67
N ALA A 111 7.28 -9.99 24.03
CA ALA A 111 6.13 -9.14 24.44
C ALA A 111 4.92 -9.37 23.50
N GLY A 112 5.00 -10.31 22.58
CA GLY A 112 3.84 -10.76 21.78
C GLY A 112 3.61 -9.92 20.55
N VAL A 113 4.63 -9.18 20.07
CA VAL A 113 4.58 -8.36 18.82
C VAL A 113 5.72 -8.74 17.91
N GLY A 114 6.13 -9.99 17.96
CA GLY A 114 7.18 -10.51 17.06
C GLY A 114 6.84 -10.37 15.59
N SER A 115 5.65 -10.76 15.18
CA SER A 115 5.19 -10.72 13.77
C SER A 115 5.40 -9.35 13.16
N ILE A 116 4.74 -8.35 13.71
CA ILE A 116 4.80 -7.00 13.10
C ILE A 116 6.24 -6.45 13.21
N PHE A 117 6.96 -6.79 14.26
CA PHE A 117 8.34 -6.29 14.46
C PHE A 117 9.21 -6.84 13.33
N ASP A 118 9.03 -8.13 13.01
CA ASP A 118 9.78 -8.82 11.91
C ASP A 118 9.41 -8.23 10.55
N ARG A 119 8.14 -7.90 10.31
CA ARG A 119 7.71 -7.22 9.08
C ARG A 119 8.45 -5.87 8.94
N VAL A 120 8.54 -5.11 10.01
CA VAL A 120 9.29 -3.83 9.98
C VAL A 120 10.74 -4.07 9.60
N LEU A 121 11.39 -4.97 10.31
CA LEU A 121 12.79 -5.33 10.03
C LEU A 121 12.96 -5.79 8.57
N THR A 122 12.09 -6.67 8.06
CA THR A 122 12.30 -7.36 6.76
C THR A 122 11.82 -6.49 5.58
N GLU A 123 10.68 -5.84 5.69
CA GLU A 123 10.08 -5.07 4.58
C GLU A 123 10.58 -3.62 4.55
N LEU A 124 11.09 -3.08 5.66
CA LEU A 124 11.47 -1.64 5.67
C LEU A 124 12.93 -1.48 6.02
N VAL A 125 13.32 -1.77 7.26
CA VAL A 125 14.72 -1.51 7.74
C VAL A 125 15.73 -2.17 6.79
N SER A 126 15.63 -3.48 6.55
CA SER A 126 16.61 -4.24 5.74
C SER A 126 16.67 -3.70 4.31
N LYS A 127 15.54 -3.22 3.79
CA LYS A 127 15.44 -2.71 2.39
C LYS A 127 16.02 -1.31 2.31
N MET A 128 15.69 -0.47 3.25
CA MET A 128 16.36 0.83 3.37
C MET A 128 17.89 0.60 3.47
N LYS A 129 18.31 -0.32 4.33
CA LYS A 129 19.74 -0.65 4.53
C LYS A 129 20.34 -1.12 3.19
N ASP A 130 19.70 -2.10 2.53
CA ASP A 130 20.18 -2.70 1.24
C ASP A 130 20.44 -1.61 0.22
N MET A 131 19.49 -0.72 -0.04
CA MET A 131 19.65 0.31 -1.10
C MET A 131 20.36 1.56 -0.56
N GLN A 132 20.67 1.62 0.74
CA GLN A 132 21.31 2.80 1.42
C GLN A 132 20.45 4.04 1.16
N MET A 133 19.18 3.97 1.49
CA MET A 133 18.24 5.08 1.29
C MET A 133 18.77 6.28 2.08
N ASP A 134 18.82 7.45 1.48
CA ASP A 134 19.44 8.63 2.14
C ASP A 134 18.31 9.48 2.72
N LYS A 135 18.65 10.55 3.45
CA LYS A 135 17.64 11.33 4.20
C LYS A 135 16.82 12.19 3.25
N SER A 136 17.39 12.64 2.13
CA SER A 136 16.63 13.35 1.06
C SER A 136 15.55 12.42 0.50
N GLU A 137 15.88 11.15 0.26
CA GLU A 137 14.92 10.15 -0.28
C GLU A 137 13.85 9.85 0.79
N LEU A 138 14.25 9.66 2.05
CA LEU A 138 13.28 9.40 3.15
C LEU A 138 12.33 10.61 3.26
N GLY A 139 12.89 11.82 3.31
CA GLY A 139 12.14 13.08 3.41
C GLY A 139 11.08 13.17 2.34
N CYS A 140 11.45 12.88 1.10
CA CYS A 140 10.54 12.90 -0.06
C CYS A 140 9.44 11.87 0.10
N LEU A 141 9.78 10.62 0.44
CA LEU A 141 8.79 9.54 0.61
C LEU A 141 7.82 9.91 1.73
N ARG A 142 8.34 10.53 2.80
CA ARG A 142 7.48 11.00 3.91
C ARG A 142 6.59 12.16 3.44
N ALA A 143 7.09 13.01 2.56
CA ALA A 143 6.29 14.13 2.03
C ALA A 143 5.23 13.56 1.06
N ILE A 144 5.51 12.49 0.36
CA ILE A 144 4.49 11.81 -0.49
C ILE A 144 3.40 11.23 0.41
N VAL A 145 3.76 10.51 1.46
CA VAL A 145 2.77 9.98 2.45
C VAL A 145 1.95 11.13 3.00
N LEU A 146 2.60 12.25 3.39
CA LEU A 146 1.89 13.41 3.98
C LEU A 146 0.81 13.93 3.00
N PHE A 147 1.22 14.22 1.77
CA PHE A 147 0.36 14.74 0.70
C PHE A 147 -0.43 13.59 0.10
N ASN A 148 -1.35 13.03 0.90
CA ASN A 148 -2.21 11.90 0.53
C ASN A 148 -3.53 12.43 -0.03
N PRO A 149 -3.68 12.55 -1.36
CA PRO A 149 -4.90 13.10 -1.96
C PRO A 149 -6.17 12.26 -1.71
N ASP A 150 -6.02 11.05 -1.17
CA ASP A 150 -7.14 10.11 -0.91
C ASP A 150 -7.72 10.36 0.49
N ALA A 151 -7.01 11.09 1.34
CA ALA A 151 -7.43 11.36 2.72
C ALA A 151 -8.87 11.94 2.70
N LYS A 152 -9.76 11.34 3.46
CA LYS A 152 -11.23 11.68 3.40
C LYS A 152 -11.47 13.07 4.00
N GLY A 153 -12.29 13.89 3.35
CA GLY A 153 -12.81 15.15 3.89
C GLY A 153 -11.97 16.35 3.48
N LEU A 154 -10.89 16.15 2.73
CA LEU A 154 -10.09 17.25 2.14
C LEU A 154 -11.01 18.22 1.45
N SER A 155 -10.83 19.51 1.70
CA SER A 155 -11.60 20.59 1.01
C SER A 155 -11.23 20.60 -0.46
N ASN A 156 -9.97 20.29 -0.84
CA ASN A 156 -9.51 20.36 -2.25
C ASN A 156 -8.49 19.28 -2.55
N PRO A 157 -8.97 18.04 -2.87
CA PRO A 157 -8.07 16.93 -3.13
C PRO A 157 -7.06 17.28 -4.26
N SER A 158 -7.47 18.07 -5.24
CA SER A 158 -6.68 18.42 -6.45
C SER A 158 -5.36 19.06 -6.07
N GLU A 159 -5.39 20.00 -5.13
CA GLU A 159 -4.20 20.74 -4.66
C GLU A 159 -3.22 19.79 -4.00
N VAL A 160 -3.74 18.86 -3.18
CA VAL A 160 -2.91 17.86 -2.47
C VAL A 160 -2.28 16.92 -3.50
N GLU A 161 -3.05 16.57 -4.53
CA GLU A 161 -2.60 15.76 -5.65
C GLU A 161 -1.41 16.46 -6.32
N THR A 162 -1.53 17.76 -6.60
CA THR A 162 -0.44 18.49 -7.33
C THR A 162 0.76 18.60 -6.39
N LEU A 163 0.56 18.69 -5.08
CA LEU A 163 1.72 18.76 -4.14
C LEU A 163 2.45 17.41 -4.15
N ARG A 164 1.72 16.33 -4.09
CA ARG A 164 2.29 14.98 -4.21
C ARG A 164 3.09 14.89 -5.50
N GLU A 165 2.55 15.39 -6.61
CA GLU A 165 3.18 15.30 -7.97
C GLU A 165 4.50 16.08 -7.95
N LYS A 166 4.53 17.26 -7.36
CA LYS A 166 5.75 18.09 -7.22
C LYS A 166 6.76 17.33 -6.37
N VAL A 167 6.35 16.64 -5.30
CA VAL A 167 7.34 15.91 -4.46
C VAL A 167 7.92 14.76 -5.29
N TYR A 168 7.11 13.98 -6.02
CA TYR A 168 7.66 12.80 -6.72
C TYR A 168 8.46 13.22 -7.97
N ALA A 169 8.14 14.34 -8.61
CA ALA A 169 9.01 14.97 -9.64
C ALA A 169 10.36 15.34 -9.01
N THR A 170 10.37 15.93 -7.81
CA THR A 170 11.60 16.35 -7.10
C THR A 170 12.43 15.12 -6.73
N LEU A 171 11.79 14.09 -6.19
CA LEU A 171 12.47 12.86 -5.80
C LEU A 171 13.11 12.21 -7.02
N GLU A 172 12.39 12.06 -8.11
CA GLU A 172 12.91 11.39 -9.31
C GLU A 172 14.11 12.17 -9.85
N ALA A 173 14.06 13.50 -9.91
CA ALA A 173 15.21 14.28 -10.45
C ALA A 173 16.40 14.08 -9.51
N TYR A 174 16.15 13.94 -8.20
CA TYR A 174 17.21 13.75 -7.18
C TYR A 174 17.88 12.38 -7.39
N THR A 175 17.09 11.31 -7.59
CA THR A 175 17.61 9.93 -7.78
C THR A 175 18.40 9.83 -9.09
N LYS A 176 17.95 10.51 -10.15
CA LYS A 176 18.64 10.51 -11.45
C LYS A 176 19.96 11.27 -11.32
N GLN A 177 19.96 12.38 -10.58
CA GLN A 177 21.16 13.23 -10.42
C GLN A 177 22.18 12.51 -9.52
N LYS A 178 21.75 11.97 -8.38
CA LYS A 178 22.65 11.42 -7.33
C LYS A 178 23.03 9.97 -7.61
N TYR A 179 22.15 9.19 -8.25
CA TYR A 179 22.35 7.73 -8.48
C TYR A 179 22.10 7.43 -9.95
N PRO A 180 22.90 8.02 -10.85
CA PRO A 180 22.63 7.92 -12.28
C PRO A 180 22.78 6.50 -12.78
N GLU A 181 23.57 5.70 -12.05
CA GLU A 181 23.88 4.29 -12.41
C GLU A 181 22.74 3.38 -11.98
N GLN A 182 21.77 3.87 -11.19
CA GLN A 182 20.64 3.03 -10.70
C GLN A 182 19.32 3.49 -11.33
N PRO A 183 19.04 3.17 -12.60
CA PRO A 183 17.84 3.69 -13.28
C PRO A 183 16.52 3.25 -12.58
N GLY A 184 16.55 2.16 -11.85
CA GLY A 184 15.35 1.64 -11.14
C GLY A 184 15.18 2.25 -9.77
N ARG A 185 16.06 3.15 -9.33
CA ARG A 185 16.05 3.55 -7.89
C ARG A 185 14.72 4.25 -7.51
N PHE A 186 14.25 5.19 -8.31
CA PHE A 186 12.96 5.89 -8.09
C PHE A 186 11.81 4.88 -7.85
N ALA A 187 11.61 3.96 -8.80
CA ALA A 187 10.65 2.85 -8.72
C ALA A 187 10.82 2.16 -7.38
N LYS A 188 12.02 1.74 -7.09
CA LYS A 188 12.34 0.99 -5.88
C LYS A 188 11.86 1.80 -4.65
N LEU A 189 12.11 3.11 -4.61
CA LEU A 189 11.69 3.90 -3.43
C LEU A 189 10.16 3.87 -3.34
N LEU A 190 9.46 4.13 -4.43
CA LEU A 190 7.99 4.24 -4.39
C LEU A 190 7.39 2.89 -3.98
N LEU A 191 8.06 1.79 -4.35
CA LEU A 191 7.49 0.45 -4.13
C LEU A 191 7.75 -0.05 -2.70
N ARG A 192 8.26 0.81 -1.79
CA ARG A 192 8.22 0.53 -0.34
C ARG A 192 6.93 1.11 0.27
N LEU A 193 6.20 1.92 -0.46
CA LEU A 193 5.02 2.61 0.12
C LEU A 193 3.88 1.63 0.39
N PRO A 194 3.65 0.60 -0.45
CA PRO A 194 2.57 -0.36 -0.14
C PRO A 194 2.88 -1.15 1.14
N ALA A 195 4.12 -1.61 1.29
CA ALA A 195 4.58 -2.29 2.55
C ALA A 195 4.36 -1.34 3.74
N LEU A 196 4.74 -0.09 3.59
CA LEU A 196 4.61 0.91 4.68
C LEU A 196 3.12 1.06 5.03
N ARG A 197 2.22 1.03 4.02
CA ARG A 197 0.79 1.15 4.25
C ARG A 197 0.33 -0.03 5.06
N SER A 198 0.68 -1.24 4.62
CA SER A 198 0.24 -2.51 5.24
C SER A 198 0.75 -2.55 6.69
N ILE A 199 2.00 -2.24 6.87
CA ILE A 199 2.61 -2.24 8.23
C ILE A 199 1.93 -1.16 9.08
N GLY A 200 1.72 0.02 8.53
CA GLY A 200 0.93 1.09 9.18
C GLY A 200 -0.41 0.60 9.69
N LEU A 201 -1.14 -0.14 8.86
CA LEU A 201 -2.51 -0.58 9.21
C LEU A 201 -2.43 -1.59 10.33
N LYS A 202 -1.43 -2.46 10.31
CA LYS A 202 -1.28 -3.52 11.30
C LYS A 202 -0.84 -2.87 12.63
N CYS A 203 0.05 -1.89 12.58
CA CYS A 203 0.47 -1.17 13.80
C CYS A 203 -0.75 -0.45 14.42
N LEU A 204 -1.62 0.11 13.60
CA LEU A 204 -2.82 0.83 14.06
C LEU A 204 -3.71 -0.15 14.81
N GLU A 205 -3.89 -1.35 14.26
CA GLU A 205 -4.78 -2.37 14.86
C GLU A 205 -4.20 -2.78 16.22
N HIS A 206 -2.89 -3.00 16.30
CA HIS A 206 -2.17 -3.20 17.60
C HIS A 206 -2.53 -2.04 18.55
N LEU A 207 -2.36 -0.78 18.13
CA LEU A 207 -2.58 0.38 19.03
C LEU A 207 -4.03 0.40 19.54
N PHE A 208 -5.02 0.15 18.67
CA PHE A 208 -6.45 0.11 19.04
C PHE A 208 -6.68 -1.03 20.05
N PHE A 209 -5.99 -2.15 19.90
CA PHE A 209 -6.14 -3.29 20.83
C PHE A 209 -5.53 -2.91 22.19
N PHE A 210 -4.37 -2.28 22.17
CA PHE A 210 -3.67 -1.87 23.42
C PHE A 210 -4.60 -0.96 24.20
N LYS A 211 -5.24 -0.04 23.48
CA LYS A 211 -6.17 0.96 24.06
C LYS A 211 -7.39 0.21 24.59
N LEU A 212 -7.98 -0.67 23.78
CA LEU A 212 -9.23 -1.38 24.11
C LEU A 212 -8.99 -2.19 25.38
N ILE A 213 -7.89 -2.91 25.48
CA ILE A 213 -7.67 -3.87 26.61
C ILE A 213 -7.18 -3.10 27.83
N GLY A 214 -6.62 -1.91 27.66
CA GLY A 214 -5.96 -1.20 28.77
C GLY A 214 -4.67 -1.91 29.13
N ASP A 215 -4.06 -1.57 30.24
CA ASP A 215 -2.80 -2.23 30.70
C ASP A 215 -1.62 -1.88 29.78
N THR A 216 -1.79 -0.94 28.85
CA THR A 216 -0.65 -0.19 28.24
C THR A 216 -0.93 1.31 28.40
N PRO A 217 -0.12 2.07 29.18
CA PRO A 217 -0.32 3.50 29.28
C PRO A 217 -0.19 4.15 27.89
N ILE A 218 -1.18 4.96 27.53
CA ILE A 218 -1.20 5.73 26.26
C ILE A 218 -1.35 7.22 26.58
N ASP A 219 -0.37 8.01 26.18
CA ASP A 219 -0.30 9.46 26.48
C ASP A 219 -1.27 10.24 25.59
N THR A 220 -1.53 11.48 25.96
CA THR A 220 -2.67 12.30 25.50
C THR A 220 -2.66 12.47 24.00
N PHE A 221 -1.52 12.76 23.38
CA PHE A 221 -1.50 13.08 21.93
C PHE A 221 -1.78 11.78 21.11
N LEU A 222 -1.11 10.67 21.45
CA LEU A 222 -1.39 9.35 20.83
C LEU A 222 -2.87 8.94 21.08
N MET A 223 -3.37 9.08 22.30
CA MET A 223 -4.81 8.84 22.61
C MET A 223 -5.69 9.70 21.65
N GLU A 224 -5.40 11.00 21.49
CA GLU A 224 -6.19 11.88 20.58
C GLU A 224 -6.19 11.31 19.15
N MET A 225 -5.05 10.82 18.66
CA MET A 225 -4.92 10.31 17.30
C MET A 225 -5.77 9.03 17.15
N LEU A 226 -6.00 8.30 18.23
CA LEU A 226 -6.79 7.06 18.25
C LEU A 226 -8.29 7.34 18.44
N GLU A 227 -8.69 8.57 18.73
CA GLU A 227 -10.12 8.98 18.90
C GLU A 227 -10.84 8.97 17.54
N THR A 228 -12.08 8.45 17.53
CA THR A 228 -12.85 8.05 16.32
C THR A 228 -13.98 9.07 16.14
N PRO A 229 -13.81 10.06 15.24
CA PRO A 229 -14.73 11.19 15.17
C PRO A 229 -16.14 10.76 14.76
N SER B 1 11.18 -5.03 -22.29
CA SER B 1 12.46 -5.78 -22.44
C SER B 1 12.20 -7.04 -23.26
N MET B 2 13.26 -7.80 -23.56
CA MET B 2 13.18 -9.16 -24.16
C MET B 2 12.87 -10.19 -23.05
N ASP B 3 13.31 -9.96 -21.82
CA ASP B 3 13.09 -10.89 -20.69
C ASP B 3 11.66 -10.72 -20.12
N MET B 4 11.05 -9.55 -20.29
CA MET B 4 9.68 -9.26 -19.74
C MET B 4 8.93 -8.33 -20.71
N PRO B 5 8.52 -8.86 -21.88
CA PRO B 5 7.94 -8.04 -22.93
C PRO B 5 6.56 -7.55 -22.52
N VAL B 6 6.27 -6.29 -22.77
CA VAL B 6 4.94 -5.71 -22.44
C VAL B 6 3.87 -6.38 -23.32
N GLU B 7 4.23 -6.86 -24.48
CA GLU B 7 3.31 -7.61 -25.38
C GLU B 7 2.73 -8.80 -24.60
N ARG B 8 3.58 -9.56 -23.91
CA ARG B 8 3.16 -10.81 -23.27
C ARG B 8 2.25 -10.46 -22.08
N ILE B 9 2.51 -9.36 -21.41
CA ILE B 9 1.73 -8.93 -20.23
C ILE B 9 0.35 -8.50 -20.72
N LEU B 10 0.27 -7.74 -21.81
CA LEU B 10 -1.02 -7.40 -22.48
C LEU B 10 -1.74 -8.68 -22.88
N GLU B 11 -1.04 -9.65 -23.50
CA GLU B 11 -1.67 -10.90 -24.02
C GLU B 11 -2.33 -11.62 -22.84
N ALA B 12 -1.71 -11.57 -21.65
CA ALA B 12 -2.24 -12.23 -20.44
C ALA B 12 -3.58 -11.58 -20.03
N GLU B 13 -3.65 -10.25 -20.04
CA GLU B 13 -4.89 -9.48 -19.76
C GLU B 13 -5.98 -9.80 -20.80
N LEU B 14 -5.65 -9.82 -22.10
CA LEU B 14 -6.63 -10.07 -23.22
C LEU B 14 -7.15 -11.50 -23.13
N ALA B 15 -6.30 -12.44 -22.72
CA ALA B 15 -6.61 -13.88 -22.65
C ALA B 15 -7.71 -14.14 -21.59
N VAL B 16 -7.88 -13.28 -20.58
CA VAL B 16 -8.82 -13.55 -19.44
C VAL B 16 -10.05 -12.62 -19.49
N GLU B 17 -10.20 -11.83 -20.56
CA GLU B 17 -11.44 -11.04 -20.82
C GLU B 17 -12.64 -11.96 -20.86
N PRO B 18 -13.65 -11.75 -19.98
CA PRO B 18 -14.77 -12.70 -19.85
C PRO B 18 -15.66 -12.80 -21.11
N LYS B 19 -16.55 -13.80 -21.16
CA LYS B 19 -17.67 -13.93 -22.16
C LYS B 19 -18.88 -13.12 -21.67
N THR B 32 -30.14 -14.19 -7.02
CA THR B 32 -29.89 -13.51 -5.70
C THR B 32 -29.89 -12.01 -5.89
N ASN B 33 -29.98 -11.27 -4.79
CA ASN B 33 -30.07 -9.79 -4.79
C ASN B 33 -29.04 -9.18 -3.85
N ASP B 34 -28.58 -9.91 -2.81
CA ASP B 34 -27.42 -9.46 -1.96
C ASP B 34 -26.23 -9.20 -2.90
N PRO B 35 -25.77 -7.94 -3.02
CA PRO B 35 -24.54 -7.67 -3.77
C PRO B 35 -23.35 -8.44 -3.22
N VAL B 36 -23.34 -8.71 -1.91
CA VAL B 36 -22.19 -9.40 -1.27
C VAL B 36 -22.13 -10.85 -1.79
N THR B 37 -23.28 -11.53 -1.88
CA THR B 37 -23.37 -12.87 -2.49
C THR B 37 -22.84 -12.84 -3.92
N ASN B 38 -23.26 -11.86 -4.69
CA ASN B 38 -22.95 -11.76 -6.12
C ASN B 38 -21.46 -11.53 -6.28
N ILE B 39 -20.88 -10.70 -5.43
CA ILE B 39 -19.44 -10.38 -5.49
C ILE B 39 -18.60 -11.62 -5.09
N CYS B 40 -19.01 -12.33 -4.06
CA CYS B 40 -18.34 -13.55 -3.55
C CYS B 40 -18.38 -14.66 -4.59
N HIS B 41 -19.53 -14.82 -5.25
CA HIS B 41 -19.70 -15.75 -6.38
C HIS B 41 -18.73 -15.38 -7.50
N ALA B 42 -18.65 -14.10 -7.87
CA ALA B 42 -17.78 -13.63 -8.97
C ALA B 42 -16.30 -13.84 -8.58
N ALA B 43 -15.95 -13.64 -7.31
CA ALA B 43 -14.56 -13.79 -6.81
C ALA B 43 -14.15 -15.25 -6.94
N ASP B 44 -14.96 -16.17 -6.46
CA ASP B 44 -14.68 -17.61 -6.63
C ASP B 44 -14.41 -17.91 -8.13
N LYS B 45 -15.28 -17.49 -9.04
CA LYS B 45 -15.14 -17.77 -10.49
C LYS B 45 -13.81 -17.18 -11.00
N GLN B 46 -13.48 -15.98 -10.56
CA GLN B 46 -12.30 -15.24 -11.08
C GLN B 46 -11.00 -15.80 -10.48
N LEU B 47 -11.05 -16.55 -9.38
CA LEU B 47 -9.83 -17.17 -8.79
C LEU B 47 -9.31 -18.22 -9.79
N PHE B 48 -10.22 -18.92 -10.47
CA PHE B 48 -9.91 -19.92 -11.52
C PHE B 48 -9.21 -19.23 -12.69
N THR B 49 -9.77 -18.13 -13.16
CA THR B 49 -9.19 -17.28 -14.21
C THR B 49 -7.86 -16.71 -13.70
N LEU B 50 -7.75 -16.35 -12.44
CA LEU B 50 -6.53 -15.68 -11.95
C LEU B 50 -5.34 -16.63 -12.12
N VAL B 51 -5.50 -17.90 -11.80
CA VAL B 51 -4.41 -18.90 -11.97
C VAL B 51 -3.95 -18.91 -13.42
N GLU B 52 -4.89 -18.86 -14.36
CA GLU B 52 -4.62 -18.94 -15.83
C GLU B 52 -3.90 -17.68 -16.29
N TRP B 53 -4.24 -16.54 -15.68
CA TRP B 53 -3.59 -15.24 -15.95
C TRP B 53 -2.14 -15.34 -15.47
N ALA B 54 -1.94 -15.77 -14.25
CA ALA B 54 -0.58 -15.84 -13.66
C ALA B 54 0.31 -16.68 -14.56
N LYS B 55 -0.21 -17.80 -15.06
CA LYS B 55 0.55 -18.75 -15.91
C LYS B 55 0.98 -18.06 -17.21
N ARG B 56 0.29 -17.02 -17.65
CA ARG B 56 0.64 -16.33 -18.91
C ARG B 56 1.62 -15.20 -18.64
N ILE B 57 1.90 -14.86 -17.40
CA ILE B 57 2.92 -13.83 -17.06
C ILE B 57 4.29 -14.46 -17.19
N PRO B 58 5.15 -13.90 -18.08
CA PRO B 58 6.47 -14.45 -18.30
C PRO B 58 7.19 -14.77 -16.97
N HIS B 59 7.74 -15.99 -16.90
CA HIS B 59 8.65 -16.53 -15.85
C HIS B 59 7.86 -17.01 -14.63
N PHE B 60 6.58 -16.66 -14.49
CA PHE B 60 5.81 -17.06 -13.28
C PHE B 60 5.80 -18.60 -13.13
N SER B 61 5.51 -19.32 -14.22
CA SER B 61 5.42 -20.81 -14.31
C SER B 61 6.77 -21.51 -14.08
N ASP B 62 7.89 -20.81 -14.22
CA ASP B 62 9.26 -21.37 -13.98
C ASP B 62 9.61 -21.29 -12.47
N LEU B 63 8.89 -20.53 -11.68
CA LEU B 63 9.06 -20.54 -10.20
C LEU B 63 8.66 -21.93 -9.70
N THR B 64 9.15 -22.30 -8.54
CA THR B 64 8.73 -23.56 -7.87
C THR B 64 7.22 -23.49 -7.63
N LEU B 65 6.55 -24.64 -7.64
CA LEU B 65 5.12 -24.74 -7.25
C LEU B 65 4.86 -24.03 -5.91
N GLU B 66 5.67 -24.27 -4.88
CA GLU B 66 5.48 -23.67 -3.53
C GLU B 66 5.45 -22.13 -3.66
N ASP B 67 6.36 -21.56 -4.46
CA ASP B 67 6.52 -20.09 -4.59
C ASP B 67 5.34 -19.56 -5.40
N GLN B 68 4.84 -20.33 -6.37
CA GLN B 68 3.67 -19.92 -7.17
C GLN B 68 2.45 -19.85 -6.23
N VAL B 69 2.29 -20.85 -5.38
CA VAL B 69 1.18 -20.93 -4.39
C VAL B 69 1.28 -19.71 -3.50
N ILE B 70 2.47 -19.46 -2.95
CA ILE B 70 2.72 -18.34 -1.99
C ILE B 70 2.33 -17.02 -2.64
N LEU B 71 2.75 -16.77 -3.88
CA LEU B 71 2.50 -15.47 -4.54
C LEU B 71 1.01 -15.32 -4.85
N LEU B 72 0.33 -16.35 -5.31
CA LEU B 72 -1.12 -16.22 -5.63
C LEU B 72 -1.93 -16.12 -4.33
N ARG B 73 -1.54 -16.81 -3.27
CA ARG B 73 -2.22 -16.68 -1.95
C ARG B 73 -2.03 -15.26 -1.42
N ALA B 74 -0.84 -14.68 -1.55
CA ALA B 74 -0.53 -13.34 -0.97
C ALA B 74 -1.23 -12.23 -1.78
N GLY B 75 -1.49 -12.47 -3.06
CA GLY B 75 -1.83 -11.40 -4.01
C GLY B 75 -3.25 -11.48 -4.51
N TRP B 76 -3.93 -12.62 -4.36
CA TRP B 76 -5.21 -12.82 -5.09
C TRP B 76 -6.18 -11.66 -4.85
N ASN B 77 -6.31 -11.22 -3.63
CA ASN B 77 -7.35 -10.20 -3.27
C ASN B 77 -7.06 -8.90 -4.06
N GLU B 78 -5.84 -8.39 -3.93
CA GLU B 78 -5.41 -7.19 -4.70
C GLU B 78 -5.58 -7.43 -6.18
N LEU B 79 -5.19 -8.57 -6.69
CA LEU B 79 -5.19 -8.84 -8.15
C LEU B 79 -6.63 -8.80 -8.67
N LEU B 80 -7.58 -9.34 -7.93
CA LEU B 80 -9.00 -9.33 -8.37
C LEU B 80 -9.56 -7.89 -8.28
N ILE B 81 -9.20 -7.15 -7.24
CA ILE B 81 -9.74 -5.79 -7.03
C ILE B 81 -9.22 -4.89 -8.17
N ALA B 82 -7.94 -5.01 -8.55
CA ALA B 82 -7.38 -4.23 -9.69
C ALA B 82 -8.21 -4.51 -10.94
N SER B 83 -8.48 -5.78 -11.21
CA SER B 83 -9.19 -6.21 -12.44
C SER B 83 -10.62 -5.62 -12.47
N PHE B 84 -11.43 -5.75 -11.43
CA PHE B 84 -12.85 -5.32 -11.50
C PHE B 84 -12.89 -3.80 -11.48
N SER B 85 -11.95 -3.14 -10.79
CA SER B 85 -11.82 -1.67 -10.75
C SER B 85 -11.61 -1.15 -12.16
N HIS B 86 -10.68 -1.74 -12.91
CA HIS B 86 -10.32 -1.31 -14.28
C HIS B 86 -11.47 -1.64 -15.24
N ARG B 87 -12.14 -2.76 -15.00
CA ARG B 87 -13.33 -3.15 -15.80
C ARG B 87 -14.44 -2.12 -15.59
N SER B 88 -14.41 -1.36 -14.48
CA SER B 88 -15.56 -0.51 -14.06
C SER B 88 -15.38 0.96 -14.47
N VAL B 89 -14.35 1.31 -15.24
CA VAL B 89 -14.06 2.73 -15.63
C VAL B 89 -15.24 3.30 -16.44
N SER B 90 -15.94 2.48 -17.20
CA SER B 90 -17.08 2.89 -18.06
C SER B 90 -18.40 3.02 -17.24
N VAL B 91 -18.43 2.54 -16.00
CA VAL B 91 -19.67 2.46 -15.16
C VAL B 91 -19.79 3.73 -14.30
N GLN B 92 -20.98 4.35 -14.24
CA GLN B 92 -21.26 5.46 -13.29
C GLN B 92 -21.66 4.86 -11.94
N ASP B 93 -20.91 5.20 -10.88
CA ASP B 93 -21.26 4.96 -9.46
C ASP B 93 -21.53 3.48 -9.25
N GLY B 94 -20.71 2.62 -9.84
CA GLY B 94 -20.85 1.17 -9.68
C GLY B 94 -19.65 0.41 -10.16
N ILE B 95 -19.73 -0.90 -10.04
CA ILE B 95 -18.70 -1.88 -10.44
CA ILE B 95 -18.69 -1.82 -10.56
C ILE B 95 -19.33 -2.84 -11.47
N LEU B 96 -18.54 -3.37 -12.37
CA LEU B 96 -18.95 -4.42 -13.31
C LEU B 96 -18.20 -5.69 -12.92
N LEU B 97 -18.91 -6.71 -12.45
CA LEU B 97 -18.31 -8.00 -12.11
C LEU B 97 -18.01 -8.79 -13.39
N ALA B 98 -17.13 -9.78 -13.28
CA ALA B 98 -16.74 -10.67 -14.40
C ALA B 98 -17.96 -11.48 -14.87
N THR B 99 -18.93 -11.73 -13.98
CA THR B 99 -20.18 -12.44 -14.26
C THR B 99 -21.08 -11.62 -15.21
N GLY B 100 -20.74 -10.38 -15.52
CA GLY B 100 -21.57 -9.45 -16.33
C GLY B 100 -22.59 -8.67 -15.52
N LEU B 101 -22.77 -9.00 -14.23
CA LEU B 101 -23.60 -8.25 -13.28
C LEU B 101 -22.96 -6.90 -12.92
N HIS B 102 -23.79 -5.87 -12.74
CA HIS B 102 -23.38 -4.55 -12.20
C HIS B 102 -23.79 -4.47 -10.74
N VAL B 103 -22.98 -3.82 -9.92
CA VAL B 103 -23.29 -3.43 -8.53
C VAL B 103 -23.23 -1.91 -8.45
N HIS B 104 -24.35 -1.27 -8.17
CA HIS B 104 -24.48 0.20 -8.03
C HIS B 104 -24.13 0.58 -6.60
N ARG B 105 -23.63 1.77 -6.44
CA ARG B 105 -23.29 2.34 -5.10
C ARG B 105 -24.50 2.18 -4.13
N SER B 106 -25.70 2.37 -4.63
CA SER B 106 -26.92 2.42 -3.76
C SER B 106 -27.14 1.03 -3.16
N SER B 107 -26.84 -0.03 -3.89
CA SER B 107 -27.01 -1.41 -3.43
C SER B 107 -25.95 -1.73 -2.39
N ALA B 108 -24.72 -1.37 -2.66
CA ALA B 108 -23.58 -1.56 -1.75
C ALA B 108 -23.91 -0.92 -0.39
N HIS B 109 -24.37 0.34 -0.38
CA HIS B 109 -24.75 1.08 0.87
C HIS B 109 -25.91 0.37 1.57
N SER B 110 -26.88 -0.15 0.80
CA SER B 110 -28.10 -0.81 1.31
C SER B 110 -27.77 -2.18 1.89
N ALA B 111 -26.59 -2.73 1.60
CA ALA B 111 -26.15 -4.05 2.06
C ALA B 111 -25.13 -3.92 3.20
N GLY B 112 -24.81 -2.71 3.64
CA GLY B 112 -23.94 -2.52 4.82
C GLY B 112 -22.47 -2.46 4.47
N VAL B 113 -22.11 -2.28 3.17
CA VAL B 113 -20.70 -2.23 2.70
C VAL B 113 -20.45 -0.95 1.90
N GLY B 114 -21.16 0.11 2.23
CA GLY B 114 -21.03 1.41 1.58
C GLY B 114 -19.60 1.98 1.62
N SER B 115 -18.95 1.95 2.79
CA SER B 115 -17.67 2.66 3.00
C SER B 115 -16.63 2.07 2.06
N ILE B 116 -16.43 0.79 2.12
CA ILE B 116 -15.39 0.15 1.30
C ILE B 116 -15.73 0.32 -0.19
N PHE B 117 -17.01 0.28 -0.54
CA PHE B 117 -17.43 0.39 -1.95
C PHE B 117 -17.05 1.78 -2.44
N ASP B 118 -17.32 2.80 -1.62
CA ASP B 118 -16.97 4.20 -1.97
C ASP B 118 -15.44 4.36 -2.10
N ARG B 119 -14.64 3.71 -1.26
CA ARG B 119 -13.16 3.70 -1.36
C ARG B 119 -12.74 3.10 -2.69
N VAL B 120 -13.31 1.97 -3.10
CA VAL B 120 -13.04 1.41 -4.45
C VAL B 120 -13.34 2.44 -5.55
N LEU B 121 -14.51 3.02 -5.52
CA LEU B 121 -14.89 4.01 -6.55
C LEU B 121 -13.94 5.21 -6.54
N THR B 122 -13.61 5.75 -5.35
CA THR B 122 -12.91 7.04 -5.22
C THR B 122 -11.40 6.86 -5.41
N GLU B 123 -10.81 5.80 -4.83
CA GLU B 123 -9.35 5.63 -4.85
C GLU B 123 -8.91 4.84 -6.08
N LEU B 124 -9.79 4.05 -6.70
CA LEU B 124 -9.30 3.16 -7.78
C LEU B 124 -10.03 3.47 -9.09
N VAL B 125 -11.31 3.16 -9.15
CA VAL B 125 -12.09 3.30 -10.44
C VAL B 125 -11.93 4.71 -11.00
N SER B 126 -12.25 5.75 -10.22
CA SER B 126 -12.30 7.15 -10.73
C SER B 126 -10.89 7.59 -11.14
N LYS B 127 -9.86 7.09 -10.48
CA LYS B 127 -8.45 7.45 -10.77
C LYS B 127 -7.97 6.72 -12.01
N MET B 128 -8.30 5.46 -12.12
CA MET B 128 -8.08 4.73 -13.39
C MET B 128 -8.79 5.50 -14.53
N LYS B 129 -10.02 5.92 -14.31
CA LYS B 129 -10.82 6.64 -15.34
C LYS B 129 -10.11 7.97 -15.69
N ASP B 130 -9.74 8.77 -14.67
CA ASP B 130 -9.12 10.12 -14.84
C ASP B 130 -7.88 10.01 -15.73
N MET B 131 -6.99 9.05 -15.48
CA MET B 131 -5.71 8.96 -16.22
C MET B 131 -5.89 8.07 -17.47
N GLN B 132 -7.06 7.48 -17.66
CA GLN B 132 -7.38 6.52 -18.75
C GLN B 132 -6.33 5.39 -18.76
N MET B 133 -6.11 4.74 -17.62
CA MET B 133 -5.14 3.65 -17.48
C MET B 133 -5.49 2.57 -18.52
N ASP B 134 -4.51 2.12 -19.30
CA ASP B 134 -4.79 1.14 -20.38
C ASP B 134 -4.48 -0.28 -19.85
N LYS B 135 -4.81 -1.30 -20.60
CA LYS B 135 -4.72 -2.70 -20.16
C LYS B 135 -3.26 -3.15 -20.03
N SER B 136 -2.34 -2.62 -20.85
CA SER B 136 -0.90 -2.88 -20.71
C SER B 136 -0.42 -2.37 -19.35
N GLU B 137 -0.87 -1.18 -18.95
CA GLU B 137 -0.51 -0.57 -17.64
C GLU B 137 -1.15 -1.39 -16.50
N LEU B 138 -2.39 -1.78 -16.64
CA LEU B 138 -3.08 -2.61 -15.60
C LEU B 138 -2.34 -3.95 -15.45
N GLY B 139 -2.03 -4.59 -16.58
CA GLY B 139 -1.32 -5.88 -16.64
C GLY B 139 -0.02 -5.78 -15.89
N CYS B 140 0.78 -4.76 -16.18
CA CYS B 140 2.07 -4.49 -15.49
C CYS B 140 1.87 -4.31 -13.98
N LEU B 141 0.97 -3.46 -13.56
CA LEU B 141 0.72 -3.20 -12.13
C LEU B 141 0.28 -4.50 -11.46
N ARG B 142 -0.54 -5.31 -12.15
CA ARG B 142 -0.97 -6.61 -11.59
C ARG B 142 0.22 -7.57 -11.54
N ALA B 143 1.14 -7.51 -12.51
CA ALA B 143 2.33 -8.36 -12.50
C ALA B 143 3.27 -7.89 -11.36
N ILE B 144 3.33 -6.59 -11.08
CA ILE B 144 4.12 -6.08 -9.92
C ILE B 144 3.51 -6.62 -8.62
N VAL B 145 2.18 -6.52 -8.46
CA VAL B 145 1.50 -7.08 -7.27
C VAL B 145 1.83 -8.55 -7.17
N LEU B 146 1.74 -9.30 -8.29
CA LEU B 146 1.95 -10.77 -8.28
C LEU B 146 3.38 -11.09 -7.77
N PHE B 147 4.39 -10.43 -8.35
CA PHE B 147 5.83 -10.64 -8.02
C PHE B 147 6.13 -9.83 -6.78
N ASN B 148 5.57 -10.30 -5.67
CA ASN B 148 5.70 -9.66 -4.37
C ASN B 148 6.86 -10.25 -3.60
N PRO B 149 8.05 -9.63 -3.62
CA PRO B 149 9.22 -10.21 -2.96
C PRO B 149 9.12 -10.26 -1.42
N ASP B 150 8.11 -9.61 -0.83
CA ASP B 150 7.87 -9.54 0.64
C ASP B 150 7.01 -10.75 1.10
N ALA B 151 6.37 -11.45 0.19
CA ALA B 151 5.51 -12.60 0.49
C ALA B 151 6.30 -13.61 1.38
N LYS B 152 5.74 -13.97 2.52
CA LYS B 152 6.41 -14.85 3.52
C LYS B 152 6.57 -16.28 2.98
N GLY B 153 7.75 -16.86 3.19
CA GLY B 153 8.06 -18.26 2.92
C GLY B 153 8.67 -18.47 1.54
N LEU B 154 8.82 -17.42 0.72
CA LEU B 154 9.47 -17.57 -0.62
C LEU B 154 10.80 -18.29 -0.46
N SER B 155 11.05 -19.29 -1.29
CA SER B 155 12.33 -20.03 -1.32
C SER B 155 13.47 -19.09 -1.72
N ASN B 156 13.23 -18.16 -2.63
CA ASN B 156 14.28 -17.21 -3.11
C ASN B 156 13.67 -15.85 -3.39
N PRO B 157 13.56 -14.99 -2.35
CA PRO B 157 12.96 -13.68 -2.53
C PRO B 157 13.69 -12.88 -3.64
N SER B 158 15.02 -13.03 -3.77
CA SER B 158 15.88 -12.31 -4.75
C SER B 158 15.35 -12.45 -6.17
N GLU B 159 14.99 -13.63 -6.59
CA GLU B 159 14.54 -13.86 -7.99
C GLU B 159 13.15 -13.22 -8.21
N VAL B 160 12.28 -13.25 -7.20
CA VAL B 160 10.97 -12.56 -7.27
C VAL B 160 11.21 -11.05 -7.36
N GLU B 161 12.16 -10.56 -6.61
CA GLU B 161 12.59 -9.14 -6.61
C GLU B 161 13.03 -8.77 -8.05
N THR B 162 13.86 -9.58 -8.69
CA THR B 162 14.35 -9.27 -10.06
CA THR B 162 14.36 -9.36 -10.08
C THR B 162 13.17 -9.35 -11.05
N LEU B 163 12.20 -10.22 -10.81
CA LEU B 163 11.05 -10.28 -11.76
C LEU B 163 10.22 -9.00 -11.62
N ARG B 164 10.02 -8.55 -10.39
CA ARG B 164 9.32 -7.27 -10.12
C ARG B 164 10.08 -6.15 -10.85
N GLU B 165 11.41 -6.15 -10.77
CA GLU B 165 12.26 -5.09 -11.37
C GLU B 165 12.08 -5.10 -12.88
N LYS B 166 12.09 -6.27 -13.51
CA LYS B 166 11.87 -6.42 -14.98
C LYS B 166 10.51 -5.85 -15.36
N VAL B 167 9.47 -6.10 -14.56
CA VAL B 167 8.11 -5.61 -14.88
C VAL B 167 8.11 -4.09 -14.80
N TYR B 168 8.70 -3.48 -13.76
CA TYR B 168 8.56 -2.02 -13.60
C TYR B 168 9.49 -1.28 -14.58
N ALA B 169 10.61 -1.86 -15.00
CA ALA B 169 11.41 -1.34 -16.13
C ALA B 169 10.56 -1.40 -17.43
N THR B 170 9.82 -2.48 -17.65
CA THR B 170 8.98 -2.64 -18.86
C THR B 170 7.83 -1.61 -18.83
N LEU B 171 7.18 -1.46 -17.69
CA LEU B 171 6.10 -0.48 -17.52
C LEU B 171 6.63 0.92 -17.83
N GLU B 172 7.74 1.30 -17.23
CA GLU B 172 8.23 2.68 -17.37
C GLU B 172 8.58 2.94 -18.83
N ALA B 173 9.22 2.01 -19.53
CA ALA B 173 9.58 2.19 -20.96
C ALA B 173 8.28 2.33 -21.77
N TYR B 174 7.23 1.60 -21.40
CA TYR B 174 5.91 1.65 -22.10
C TYR B 174 5.28 3.04 -21.93
N THR B 175 5.27 3.58 -20.69
CA THR B 175 4.67 4.90 -20.38
C THR B 175 5.45 6.02 -21.08
N LYS B 176 6.76 5.92 -21.13
CA LYS B 176 7.63 6.91 -21.83
C LYS B 176 7.39 6.83 -23.33
N GLN B 177 7.23 5.63 -23.89
CA GLN B 177 7.04 5.46 -25.34
C GLN B 177 5.64 5.95 -25.73
N LYS B 178 4.60 5.52 -25.01
CA LYS B 178 3.18 5.73 -25.39
C LYS B 178 2.67 7.10 -24.92
N TYR B 179 3.17 7.61 -23.80
CA TYR B 179 2.66 8.84 -23.14
C TYR B 179 3.82 9.77 -22.86
N PRO B 180 4.57 10.20 -23.90
CA PRO B 180 5.80 10.96 -23.67
C PRO B 180 5.51 12.34 -23.07
N GLU B 181 4.28 12.82 -23.25
CA GLU B 181 3.80 14.13 -22.73
C GLU B 181 3.41 14.02 -21.25
N GLN B 182 3.34 12.82 -20.68
CA GLN B 182 2.94 12.63 -19.25
C GLN B 182 4.14 12.13 -18.45
N PRO B 183 5.12 13.00 -18.13
CA PRO B 183 6.38 12.55 -17.52
C PRO B 183 6.13 11.82 -16.18
N GLY B 184 5.06 12.18 -15.48
CA GLY B 184 4.72 11.65 -14.14
C GLY B 184 3.88 10.39 -14.21
N ARG B 185 3.61 9.86 -15.39
CA ARG B 185 2.58 8.80 -15.53
C ARG B 185 3.03 7.53 -14.77
N PHE B 186 4.26 7.08 -14.98
CA PHE B 186 4.86 5.93 -14.27
C PHE B 186 4.63 6.05 -12.74
N ALA B 187 5.12 7.15 -12.15
CA ALA B 187 4.94 7.45 -10.73
C ALA B 187 3.47 7.31 -10.35
N LYS B 188 2.60 7.95 -11.12
CA LYS B 188 1.17 7.98 -10.81
C LYS B 188 0.65 6.54 -10.78
N LEU B 189 1.06 5.70 -11.71
CA LEU B 189 0.57 4.31 -11.72
C LEU B 189 1.03 3.62 -10.44
N LEU B 190 2.29 3.77 -10.07
CA LEU B 190 2.86 3.01 -8.91
C LEU B 190 2.18 3.50 -7.64
N LEU B 191 1.75 4.76 -7.64
CA LEU B 191 1.18 5.38 -6.44
C LEU B 191 -0.32 5.06 -6.28
N ARG B 192 -0.90 4.18 -7.13
CA ARG B 192 -2.20 3.54 -6.82
C ARG B 192 -1.98 2.25 -6.05
N LEU B 193 -0.76 1.76 -5.94
CA LEU B 193 -0.52 0.45 -5.27
C LEU B 193 -0.75 0.53 -3.75
N PRO B 194 -0.43 1.64 -3.04
CA PRO B 194 -0.72 1.73 -1.61
C PRO B 194 -2.22 1.66 -1.35
N ALA B 195 -3.01 2.42 -2.10
CA ALA B 195 -4.48 2.41 -1.97
C ALA B 195 -4.99 0.98 -2.22
N LEU B 196 -4.48 0.32 -3.25
CA LEU B 196 -4.90 -1.07 -3.60
C LEU B 196 -4.60 -1.98 -2.42
N ARG B 197 -3.43 -1.82 -1.78
CA ARG B 197 -3.04 -2.61 -0.62
C ARG B 197 -4.08 -2.39 0.49
N SER B 198 -4.33 -1.13 0.84
CA SER B 198 -5.23 -0.73 1.93
C SER B 198 -6.66 -1.30 1.66
N ILE B 199 -7.16 -1.10 0.46
CA ILE B 199 -8.52 -1.56 0.07
C ILE B 199 -8.56 -3.08 0.13
N GLY B 200 -7.54 -3.75 -0.40
CA GLY B 200 -7.33 -5.19 -0.28
C GLY B 200 -7.52 -5.66 1.13
N LEU B 201 -6.88 -5.01 2.10
CA LEU B 201 -6.87 -5.47 3.48
C LEU B 201 -8.27 -5.34 4.06
N LYS B 202 -8.96 -4.28 3.73
CA LYS B 202 -10.32 -4.03 4.26
C LYS B 202 -11.32 -5.02 3.60
N CYS B 203 -11.15 -5.34 2.35
CA CYS B 203 -12.04 -6.30 1.66
C CYS B 203 -11.89 -7.66 2.33
N LEU B 204 -10.65 -8.03 2.67
CA LEU B 204 -10.33 -9.34 3.27
C LEU B 204 -11.10 -9.44 4.57
N GLU B 205 -11.08 -8.37 5.35
CA GLU B 205 -11.68 -8.33 6.68
C GLU B 205 -13.20 -8.51 6.56
N HIS B 206 -13.82 -7.82 5.62
CA HIS B 206 -15.22 -8.07 5.19
C HIS B 206 -15.44 -9.56 4.87
N LEU B 207 -14.64 -10.15 3.99
CA LEU B 207 -14.81 -11.57 3.57
C LEU B 207 -14.79 -12.50 4.78
N PHE B 208 -13.83 -12.31 5.70
CA PHE B 208 -13.69 -13.16 6.91
C PHE B 208 -14.94 -13.02 7.78
N PHE B 209 -15.56 -11.86 7.81
CA PHE B 209 -16.78 -11.65 8.62
C PHE B 209 -17.94 -12.37 7.94
N PHE B 210 -18.03 -12.28 6.60
CA PHE B 210 -19.13 -12.95 5.85
C PHE B 210 -19.04 -14.43 6.13
N LYS B 211 -17.82 -14.96 6.14
CA LYS B 211 -17.55 -16.40 6.39
C LYS B 211 -17.95 -16.74 7.83
N LEU B 212 -17.49 -15.93 8.79
CA LEU B 212 -17.68 -16.17 10.24
C LEU B 212 -19.19 -16.24 10.48
N ILE B 213 -19.95 -15.31 9.92
CA ILE B 213 -21.36 -15.15 10.32
C ILE B 213 -22.23 -16.13 9.53
N GLY B 214 -21.73 -16.67 8.42
CA GLY B 214 -22.57 -17.48 7.52
C GLY B 214 -23.53 -16.56 6.81
N ASP B 215 -24.60 -17.07 6.21
CA ASP B 215 -25.61 -16.23 5.51
C ASP B 215 -25.01 -15.58 4.24
N THR B 216 -23.79 -15.94 3.85
CA THR B 216 -23.27 -15.69 2.48
C THR B 216 -22.73 -16.99 1.91
N PRO B 217 -23.31 -17.55 0.82
CA PRO B 217 -22.68 -18.68 0.14
C PRO B 217 -21.24 -18.33 -0.25
N ILE B 218 -20.30 -19.17 0.17
CA ILE B 218 -18.87 -19.05 -0.24
C ILE B 218 -18.43 -20.34 -0.89
N ASP B 219 -18.05 -20.28 -2.16
CA ASP B 219 -17.72 -21.47 -3.00
CA ASP B 219 -17.74 -21.52 -2.94
C ASP B 219 -16.27 -21.93 -2.68
N THR B 220 -15.86 -23.05 -3.25
CA THR B 220 -14.78 -23.92 -2.74
C THR B 220 -13.44 -23.20 -2.78
N PHE B 221 -13.18 -22.49 -3.85
CA PHE B 221 -11.86 -21.89 -4.09
C PHE B 221 -11.71 -20.64 -3.22
N LEU B 222 -12.72 -19.77 -3.15
CA LEU B 222 -12.72 -18.60 -2.20
C LEU B 222 -12.63 -19.11 -0.75
N MET B 223 -13.40 -20.13 -0.38
CA MET B 223 -13.29 -20.79 0.94
C MET B 223 -11.82 -21.20 1.18
N GLU B 224 -11.21 -21.88 0.22
CA GLU B 224 -9.82 -22.39 0.38
C GLU B 224 -8.88 -21.23 0.64
N MET B 225 -9.04 -20.12 -0.10
CA MET B 225 -8.13 -18.96 0.04
C MET B 225 -8.30 -18.33 1.45
N LEU B 226 -9.47 -18.47 2.07
CA LEU B 226 -9.75 -17.89 3.40
C LEU B 226 -9.26 -18.83 4.51
N GLU B 227 -8.99 -20.10 4.20
CA GLU B 227 -8.44 -21.12 5.18
C GLU B 227 -6.96 -20.83 5.48
N THR B 228 -6.57 -20.89 6.76
CA THR B 228 -5.35 -20.21 7.31
C THR B 228 -4.10 -20.65 6.53
N PRO B 229 -3.09 -19.76 6.41
CA PRO B 229 -1.87 -20.07 5.65
C PRO B 229 -1.13 -21.28 6.21
N LYS C 1 -12.95 17.39 18.43
CA LYS C 1 -12.10 18.52 18.78
C LYS C 1 -10.77 18.38 18.04
N HIS C 2 -10.03 17.30 18.31
CA HIS C 2 -8.58 17.16 18.02
C HIS C 2 -7.85 18.37 18.64
N LYS C 3 -8.10 18.61 19.92
CA LYS C 3 -7.63 19.82 20.66
C LYS C 3 -6.13 20.04 20.40
N ILE C 4 -5.31 19.04 20.71
CA ILE C 4 -3.83 19.19 20.82
C ILE C 4 -3.28 19.49 19.44
N LEU C 5 -3.72 18.74 18.44
CA LEU C 5 -3.24 18.88 17.06
C LEU C 5 -3.59 20.28 16.54
N HIS C 6 -4.81 20.75 16.75
CA HIS C 6 -5.21 22.13 16.39
C HIS C 6 -4.30 23.17 17.09
N ARG C 7 -4.05 23.02 18.40
CA ARG C 7 -3.22 23.97 19.17
C ARG C 7 -1.78 23.98 18.63
N LEU C 8 -1.24 22.83 18.22
CA LEU C 8 0.17 22.74 17.78
C LEU C 8 0.32 23.32 16.39
N LEU C 9 -0.67 23.15 15.55
CA LEU C 9 -0.66 23.64 14.18
C LEU C 9 -0.78 25.16 14.16
N GLN C 10 -1.68 25.69 14.95
CA GLN C 10 -1.95 27.14 15.04
C GLN C 10 -0.69 27.82 15.56
N ASP C 11 -0.17 27.33 16.68
CA ASP C 11 1.05 27.84 17.36
C ASP C 11 2.12 28.10 16.28
N SER C 12 2.68 29.30 16.26
CA SER C 12 3.73 29.73 15.31
C SER C 12 4.98 30.15 16.08
N SER C 13 4.83 30.68 17.31
CA SER C 13 5.93 31.23 18.17
C SER C 13 6.21 30.28 19.35
N LYS D 1 -3.27 -27.74 2.88
CA LYS D 1 -3.34 -28.43 1.59
C LYS D 1 -3.22 -27.38 0.47
N HIS D 2 -4.12 -26.38 0.40
CA HIS D 2 -4.39 -25.57 -0.81
C HIS D 2 -4.66 -26.51 -2.00
N LYS D 3 -5.56 -27.47 -1.81
CA LYS D 3 -5.80 -28.58 -2.77
C LYS D 3 -6.07 -28.00 -4.17
N ILE D 4 -7.06 -27.12 -4.29
CA ILE D 4 -7.53 -26.62 -5.62
C ILE D 4 -6.39 -25.87 -6.29
N LEU D 5 -5.75 -24.98 -5.56
CA LEU D 5 -4.72 -24.09 -6.09
C LEU D 5 -3.54 -24.93 -6.59
N HIS D 6 -3.10 -25.90 -5.79
CA HIS D 6 -2.06 -26.89 -6.22
C HIS D 6 -2.49 -27.60 -7.52
N ARG D 7 -3.72 -28.13 -7.59
CA ARG D 7 -4.21 -28.89 -8.78
C ARG D 7 -4.17 -27.99 -10.03
N LEU D 8 -4.59 -26.72 -9.89
CA LEU D 8 -4.68 -25.78 -11.03
C LEU D 8 -3.28 -25.38 -11.52
N LEU D 9 -2.34 -25.20 -10.61
CA LEU D 9 -0.97 -24.74 -10.92
C LEU D 9 -0.17 -25.88 -11.53
N GLN D 10 -0.25 -27.07 -10.94
CA GLN D 10 0.47 -28.28 -11.42
C GLN D 10 0.05 -28.55 -12.85
N ASP D 11 -1.24 -28.60 -13.11
CA ASP D 11 -1.79 -28.82 -14.47
C ASP D 11 -1.02 -27.92 -15.45
N SER D 12 -0.49 -28.46 -16.56
CA SER D 12 0.14 -27.66 -17.66
C SER D 12 -0.75 -27.67 -18.92
N SER D 13 -1.52 -28.75 -19.14
CA SER D 13 -2.65 -28.87 -20.13
C SER D 13 -2.63 -27.71 -21.13
C1 PLM E . 10.07 6.92 17.23
O1 PLM E . 10.83 6.52 18.14
O2 PLM E . 10.48 7.41 16.13
C2 PLM E . 8.56 6.84 17.49
C3 PLM E . 7.95 5.46 17.48
C4 PLM E . 6.56 5.46 16.86
C5 PLM E . 5.83 4.12 16.90
C6 PLM E . 4.86 3.95 15.71
C7 PLM E . 3.59 3.30 16.05
C8 PLM E . 3.66 1.80 16.15
C9 PLM E . 2.61 1.20 17.03
CA PLM E . 3.12 0.27 18.08
CB PLM E . 2.72 -1.17 17.86
CC PLM E . 3.65 -2.17 18.47
CD PLM E . 4.42 -2.99 17.47
CE PLM E . 5.90 -2.68 17.42
CF PLM E . 6.53 -2.86 16.06
CG PLM E . 7.50 -1.75 15.72
C1 PLM F . -14.85 -9.92 -10.20
O1 PLM F . -16.02 -9.90 -10.66
O2 PLM F . -13.84 -9.53 -10.88
C2 PLM F . -14.62 -10.48 -8.80
C3 PLM F . -14.03 -9.53 -7.81
C4 PLM F . -13.95 -10.11 -6.39
C5 PLM F . -13.20 -9.21 -5.42
C6 PLM F . -13.20 -9.66 -3.99
C7 PLM F . -13.44 -8.55 -2.98
C8 PLM F . -13.87 -9.03 -1.61
C9 PLM F . -15.28 -8.72 -1.23
CA PLM F . -15.43 -7.77 -0.07
CB PLM F . -16.82 -7.23 0.11
CC PLM F . -16.94 -5.73 -0.10
CD PLM F . -17.69 -5.34 -1.34
CE PLM F . -17.29 -4.01 -1.92
CF PLM F . -16.00 -4.00 -2.70
CG PLM F . -16.12 -4.65 -4.06
#